data_4XB0
#
_entry.id   4XB0
#
_cell.length_a   152.292
_cell.length_b   152.292
_cell.length_c   152.292
_cell.angle_alpha   90.00
_cell.angle_beta   90.00
_cell.angle_gamma   90.00
#
_symmetry.space_group_name_H-M   'I 2 3'
#
loop_
_entity.id
_entity.type
_entity.pdbx_description
1 polymer 'Serine/threonine-protein kinase PLK2'
2 non-polymer 'PHOSPHATE ION'
3 non-polymer 'CHLORIDE ION'
4 water water
#
_entity_poly.entity_id   1
_entity_poly.type   'polypeptide(L)'
_entity_poly.pdbx_seq_one_letter_code
;MGSVADTVARVLRGCLENMPEADCIPKEQLSTSFQWVTKWVDYSNKYGFGYQLSDHTVGVLFNNGAHMSLLPDKKTVHYY
AELGQCSVFPATDAPEQFISQVTVLKYFSHYMEENLMDGGDLPSVTDIRRPRLYLLQWLKSDKALMMLFNDGTFQVNFYH
DHTKIIICSQNEEYLLTYINEDRISTTFRLTTLLMSGCSSELKNRMEYALNMLLQRCN
;
_entity_poly.pdbx_strand_id   A,B
#
# COMPACT_ATOMS: atom_id res chain seq x y z
N GLY A 2 -0.70 -1.90 -16.95
CA GLY A 2 -0.10 -2.17 -18.25
C GLY A 2 -0.77 -3.31 -18.98
N SER A 3 -0.11 -3.83 -20.01
CA SER A 3 -0.63 -4.95 -20.78
C SER A 3 -0.53 -6.24 -19.99
N VAL A 4 0.56 -6.36 -19.22
CA VAL A 4 0.79 -7.52 -18.38
C VAL A 4 -0.30 -7.63 -17.33
N ALA A 5 -0.54 -6.54 -16.60
CA ALA A 5 -1.58 -6.49 -15.58
C ALA A 5 -2.96 -6.89 -16.11
N ASP A 6 -3.30 -6.42 -17.30
CA ASP A 6 -4.61 -6.70 -17.89
C ASP A 6 -4.72 -8.16 -18.33
N THR A 7 -3.60 -8.75 -18.73
CA THR A 7 -3.60 -10.14 -19.16
C THR A 7 -3.90 -11.06 -17.99
N VAL A 8 -3.20 -10.84 -16.88
CA VAL A 8 -3.40 -11.66 -15.68
C VAL A 8 -4.82 -11.47 -15.12
N ALA A 9 -5.32 -10.24 -15.18
CA ALA A 9 -6.63 -9.93 -14.64
C ALA A 9 -7.73 -10.56 -15.47
N ARG A 10 -7.48 -10.67 -16.77
CA ARG A 10 -8.43 -11.28 -17.69
C ARG A 10 -8.63 -12.76 -17.36
N VAL A 11 -7.52 -13.46 -17.13
CA VAL A 11 -7.55 -14.89 -16.90
C VAL A 11 -7.99 -15.20 -15.47
N LEU A 12 -7.67 -14.30 -14.55
CA LEU A 12 -8.06 -14.48 -13.15
C LEU A 12 -9.57 -14.31 -13.00
N ARG A 13 -10.11 -13.35 -13.73
CA ARG A 13 -11.56 -13.13 -13.80
C ARG A 13 -12.23 -14.24 -14.61
N GLY A 14 -11.55 -14.68 -15.66
CA GLY A 14 -11.99 -15.81 -16.47
C GLY A 14 -12.29 -17.03 -15.60
N CYS A 15 -11.28 -17.47 -14.88
CA CYS A 15 -11.40 -18.64 -14.01
C CYS A 15 -12.40 -18.41 -12.87
N LEU A 16 -12.61 -17.17 -12.47
CA LEU A 16 -13.39 -16.88 -11.27
C LEU A 16 -14.91 -16.98 -11.44
N GLU A 17 -15.45 -16.35 -12.47
CA GLU A 17 -16.91 -16.34 -12.65
C GLU A 17 -17.38 -17.51 -13.51
N ASN A 18 -16.45 -18.35 -13.93
CA ASN A 18 -16.80 -19.58 -14.64
C ASN A 18 -16.36 -20.86 -13.91
N MET A 19 -16.16 -20.75 -12.60
CA MET A 19 -15.78 -21.92 -11.81
C MET A 19 -16.95 -22.35 -10.94
N PRO A 20 -17.14 -23.67 -10.77
CA PRO A 20 -18.23 -24.18 -9.95
C PRO A 20 -18.10 -23.78 -8.48
N GLU A 21 -19.08 -24.14 -7.67
CA GLU A 21 -18.99 -23.97 -6.22
C GLU A 21 -18.51 -25.29 -5.62
N ALA A 22 -17.70 -25.22 -4.57
CA ALA A 22 -17.04 -26.43 -4.07
C ALA A 22 -16.95 -26.54 -2.55
N ASP A 23 -16.28 -27.59 -2.10
CA ASP A 23 -16.25 -27.97 -0.69
C ASP A 23 -14.83 -27.80 -0.19
N CYS A 24 -13.91 -27.99 -1.11
CA CYS A 24 -12.48 -28.05 -0.79
C CYS A 24 -11.67 -27.50 -1.95
N ILE A 25 -10.36 -27.43 -1.77
CA ILE A 25 -9.48 -27.01 -2.85
C ILE A 25 -9.29 -28.24 -3.74
N PRO A 26 -9.11 -28.02 -5.05
CA PRO A 26 -8.93 -29.10 -6.02
C PRO A 26 -7.87 -30.14 -5.62
N LYS A 27 -8.20 -31.40 -5.84
CA LYS A 27 -7.38 -32.52 -5.38
C LYS A 27 -6.17 -32.70 -6.29
N GLU A 28 -6.33 -32.25 -7.53
CA GLU A 28 -5.26 -32.30 -8.51
C GLU A 28 -4.24 -31.19 -8.25
N GLN A 29 -3.12 -31.55 -7.65
CA GLN A 29 -2.09 -30.58 -7.31
C GLN A 29 -0.79 -30.96 -7.98
N LEU A 30 0.10 -29.99 -8.15
CA LEU A 30 1.34 -30.23 -8.89
C LEU A 30 2.60 -30.05 -8.06
N SER A 31 3.65 -30.77 -8.45
CA SER A 31 4.94 -30.64 -7.81
C SER A 31 5.94 -30.08 -8.82
N THR A 32 5.96 -28.75 -8.91
CA THR A 32 6.94 -28.03 -9.71
C THR A 32 7.42 -26.84 -8.92
N SER A 33 8.53 -26.24 -9.34
CA SER A 33 9.02 -25.03 -8.70
C SER A 33 9.11 -23.89 -9.70
N PHE A 34 8.78 -22.69 -9.25
CA PHE A 34 8.86 -21.49 -10.08
C PHE A 34 9.41 -20.32 -9.29
N GLN A 35 9.44 -19.14 -9.90
CA GLN A 35 10.01 -17.97 -9.25
C GLN A 35 8.92 -17.18 -8.53
N TRP A 36 9.19 -16.78 -7.30
CA TRP A 36 8.21 -16.05 -6.49
C TRP A 36 8.90 -15.31 -5.35
N VAL A 37 8.17 -14.41 -4.70
CA VAL A 37 8.75 -13.61 -3.62
C VAL A 37 8.59 -14.30 -2.27
N THR A 38 9.72 -14.63 -1.65
CA THR A 38 9.73 -15.37 -0.40
C THR A 38 9.78 -14.44 0.82
N LYS A 39 10.52 -13.34 0.67
CA LYS A 39 10.63 -12.33 1.71
C LYS A 39 10.41 -10.95 1.08
N TRP A 40 9.75 -10.06 1.81
CA TRP A 40 9.54 -8.70 1.31
C TRP A 40 9.73 -7.66 2.41
N VAL A 41 10.12 -6.46 1.99
CA VAL A 41 10.34 -5.34 2.92
C VAL A 41 9.87 -4.03 2.34
N ASP A 42 8.95 -3.37 3.02
CA ASP A 42 8.44 -2.09 2.54
C ASP A 42 9.05 -0.93 3.30
N TYR A 43 9.96 -0.22 2.66
CA TYR A 43 10.55 0.98 3.23
C TYR A 43 10.40 2.12 2.24
N SER A 44 9.16 2.32 1.78
CA SER A 44 8.89 3.20 0.66
C SER A 44 8.97 4.67 1.05
N ASN A 45 8.86 4.94 2.35
CA ASN A 45 8.87 6.31 2.82
C ASN A 45 10.29 6.89 2.90
N LYS A 46 11.29 6.02 2.78
CA LYS A 46 12.67 6.50 2.78
C LYS A 46 13.46 6.05 1.55
N TYR A 47 13.35 4.77 1.20
CA TYR A 47 14.14 4.22 0.10
C TYR A 47 13.29 3.57 -0.98
N GLY A 48 12.48 2.58 -0.62
CA GLY A 48 11.71 1.84 -1.61
C GLY A 48 11.22 0.48 -1.16
N PHE A 49 10.96 -0.40 -2.11
CA PHE A 49 10.41 -1.71 -1.82
C PHE A 49 11.40 -2.83 -2.10
N GLY A 50 11.71 -3.61 -1.06
CA GLY A 50 12.65 -4.70 -1.18
C GLY A 50 11.98 -6.05 -1.16
N TYR A 51 12.52 -6.99 -1.93
CA TYR A 51 11.95 -8.34 -1.99
C TYR A 51 13.05 -9.37 -2.24
N GLN A 52 12.82 -10.59 -1.76
CA GLN A 52 13.74 -11.68 -2.01
C GLN A 52 13.04 -12.76 -2.82
N LEU A 53 13.71 -13.27 -3.85
CA LEU A 53 13.10 -14.25 -4.75
C LEU A 53 13.46 -15.67 -4.36
N SER A 54 12.79 -16.63 -5.00
CA SER A 54 12.99 -18.05 -4.72
C SER A 54 14.41 -18.53 -4.99
N ASP A 55 15.14 -17.81 -5.84
CA ASP A 55 16.51 -18.18 -6.15
C ASP A 55 17.52 -17.36 -5.35
N HIS A 56 17.00 -16.64 -4.35
CA HIS A 56 17.80 -15.82 -3.42
C HIS A 56 18.31 -14.54 -4.07
N THR A 57 17.65 -14.08 -5.12
CA THR A 57 17.95 -12.78 -5.69
C THR A 57 17.25 -11.70 -4.87
N VAL A 58 17.98 -10.63 -4.55
CA VAL A 58 17.40 -9.54 -3.79
C VAL A 58 17.23 -8.29 -4.65
N GLY A 59 16.01 -7.79 -4.73
CA GLY A 59 15.70 -6.65 -5.56
C GLY A 59 15.22 -5.46 -4.78
N VAL A 60 15.43 -4.27 -5.32
CA VAL A 60 14.87 -3.04 -4.75
C VAL A 60 14.22 -2.18 -5.83
N LEU A 61 12.94 -1.91 -5.68
CA LEU A 61 12.27 -0.95 -6.54
C LEU A 61 12.28 0.41 -5.84
N PHE A 62 13.20 1.28 -6.26
CA PHE A 62 13.40 2.56 -5.61
C PHE A 62 12.27 3.54 -5.91
N ASN A 63 12.10 4.53 -5.04
CA ASN A 63 11.07 5.55 -5.23
C ASN A 63 11.27 6.37 -6.50
N ASN A 64 12.52 6.59 -6.89
CA ASN A 64 12.81 7.36 -8.10
C ASN A 64 12.47 6.58 -9.37
N GLY A 65 12.16 5.29 -9.22
CA GLY A 65 11.74 4.48 -10.35
C GLY A 65 12.70 3.41 -10.81
N ALA A 66 13.95 3.49 -10.34
CA ALA A 66 15.00 2.57 -10.79
C ALA A 66 14.92 1.20 -10.11
N HIS A 67 15.42 0.17 -10.81
CA HIS A 67 15.49 -1.17 -10.24
C HIS A 67 16.93 -1.56 -9.95
N MET A 68 17.13 -2.27 -8.85
CA MET A 68 18.43 -2.83 -8.50
C MET A 68 18.28 -4.25 -7.97
N SER A 69 19.05 -5.18 -8.56
CA SER A 69 18.98 -6.57 -8.15
C SER A 69 20.36 -7.09 -7.77
N LEU A 70 20.43 -7.77 -6.63
CA LEU A 70 21.65 -8.46 -6.25
C LEU A 70 21.46 -9.95 -6.53
N LEU A 71 22.34 -10.50 -7.37
CA LEU A 71 22.23 -11.89 -7.80
C LEU A 71 22.56 -12.85 -6.67
N PRO A 72 22.17 -14.13 -6.82
CA PRO A 72 22.41 -15.12 -5.78
C PRO A 72 23.88 -15.24 -5.36
N ASP A 73 24.81 -14.91 -6.26
CA ASP A 73 26.24 -14.98 -5.93
C ASP A 73 26.66 -13.90 -4.93
N LYS A 74 25.72 -13.00 -4.64
CA LYS A 74 25.92 -11.92 -3.68
C LYS A 74 27.07 -10.98 -4.07
N LYS A 75 27.47 -11.05 -5.34
CA LYS A 75 28.58 -10.25 -5.85
C LYS A 75 28.17 -9.31 -6.98
N THR A 76 27.28 -9.79 -7.84
CA THR A 76 26.93 -9.07 -9.06
C THR A 76 25.62 -8.30 -8.93
N VAL A 77 25.63 -7.06 -9.41
CA VAL A 77 24.45 -6.20 -9.40
C VAL A 77 23.92 -5.87 -10.79
N HIS A 78 22.64 -6.12 -11.02
CA HIS A 78 21.97 -5.59 -12.20
C HIS A 78 21.25 -4.31 -11.78
N TYR A 79 21.48 -3.23 -12.52
CA TYR A 79 20.82 -1.96 -12.23
C TYR A 79 20.11 -1.39 -13.44
N TYR A 80 18.79 -1.33 -13.37
CA TYR A 80 18.03 -0.60 -14.39
C TYR A 80 17.66 0.77 -13.84
N ALA A 81 17.95 1.80 -14.61
CA ALA A 81 17.73 3.17 -14.15
C ALA A 81 16.28 3.58 -14.37
N GLU A 82 16.00 4.85 -14.08
CA GLU A 82 14.65 5.40 -14.15
C GLU A 82 14.02 5.32 -15.54
N LEU A 83 14.84 5.20 -16.57
CA LEU A 83 14.29 5.06 -17.92
C LEU A 83 14.60 3.71 -18.59
N GLY A 84 15.58 2.96 -18.09
CA GLY A 84 15.71 1.57 -18.49
C GLY A 84 17.10 1.08 -18.85
N GLN A 85 18.10 1.92 -18.64
CA GLN A 85 19.47 1.57 -19.02
C GLN A 85 20.09 0.61 -18.02
N CYS A 86 20.28 -0.64 -18.43
CA CYS A 86 20.82 -1.65 -17.54
C CYS A 86 22.34 -1.58 -17.47
N SER A 87 22.84 -1.45 -16.25
CA SER A 87 24.28 -1.49 -15.99
C SER A 87 24.59 -2.69 -15.10
N VAL A 88 25.60 -3.47 -15.48
CA VAL A 88 25.98 -4.63 -14.69
C VAL A 88 27.42 -4.46 -14.22
N PHE A 89 27.63 -4.64 -12.93
CA PHE A 89 28.92 -4.37 -12.32
C PHE A 89 29.00 -5.10 -10.98
N PRO A 90 30.22 -5.46 -10.55
CA PRO A 90 30.35 -6.06 -9.23
C PRO A 90 29.91 -5.09 -8.14
N ALA A 91 29.40 -5.63 -7.03
CA ALA A 91 28.94 -4.81 -5.92
C ALA A 91 30.10 -4.31 -5.08
N THR A 92 31.12 -5.15 -4.96
CA THR A 92 32.32 -4.82 -4.19
C THR A 92 32.95 -3.50 -4.64
N ASP A 93 33.29 -3.40 -5.92
CA ASP A 93 33.76 -2.15 -6.49
C ASP A 93 32.68 -1.53 -7.37
N ALA A 94 31.94 -0.58 -6.81
CA ALA A 94 30.86 0.08 -7.52
C ALA A 94 31.20 1.50 -7.90
N PRO A 95 30.80 1.93 -9.10
CA PRO A 95 30.93 3.32 -9.55
C PRO A 95 30.28 4.24 -8.52
N GLU A 96 30.81 5.44 -8.31
CA GLU A 96 30.42 6.27 -7.17
C GLU A 96 29.06 6.91 -7.37
N GLN A 97 28.43 6.59 -8.50
CA GLN A 97 27.05 7.01 -8.75
C GLN A 97 26.08 6.06 -8.06
N PHE A 98 26.49 4.81 -7.89
CA PHE A 98 25.57 3.76 -7.47
C PHE A 98 25.79 3.29 -6.04
N ILE A 99 26.84 3.80 -5.39
CA ILE A 99 27.23 3.30 -4.08
C ILE A 99 26.08 3.46 -3.07
N SER A 100 25.47 4.64 -3.06
CA SER A 100 24.33 4.92 -2.18
C SER A 100 23.24 3.88 -2.34
N GLN A 101 22.89 3.59 -3.60
CA GLN A 101 21.86 2.60 -3.92
C GLN A 101 22.30 1.16 -3.63
N VAL A 102 23.58 0.86 -3.80
CA VAL A 102 24.10 -0.47 -3.51
C VAL A 102 24.04 -0.73 -2.01
N THR A 103 24.41 0.28 -1.23
CA THR A 103 24.38 0.19 0.23
C THR A 103 22.98 -0.16 0.73
N VAL A 104 21.98 0.57 0.24
CA VAL A 104 20.59 0.31 0.57
C VAL A 104 20.18 -1.10 0.15
N LEU A 105 20.68 -1.54 -1.00
CA LEU A 105 20.36 -2.87 -1.52
C LEU A 105 20.91 -3.96 -0.61
N LYS A 106 22.10 -3.72 -0.06
CA LYS A 106 22.71 -4.65 0.87
C LYS A 106 21.95 -4.62 2.18
N TYR A 107 21.47 -3.44 2.53
CA TYR A 107 20.72 -3.21 3.75
C TYR A 107 19.40 -4.00 3.75
N PHE A 108 18.72 -3.98 2.61
CA PHE A 108 17.50 -4.76 2.44
C PHE A 108 17.81 -6.25 2.49
N SER A 109 18.88 -6.64 1.81
CA SER A 109 19.28 -8.03 1.72
C SER A 109 19.61 -8.65 3.07
N HIS A 110 20.07 -7.83 4.02
CA HIS A 110 20.50 -8.34 5.30
C HIS A 110 19.47 -8.08 6.42
N TYR A 111 18.52 -7.18 6.16
CA TYR A 111 17.35 -7.10 7.02
C TYR A 111 16.48 -8.33 6.85
N MET A 112 16.30 -8.76 5.60
CA MET A 112 15.47 -9.91 5.32
C MET A 112 15.99 -11.22 5.91
N GLU A 113 17.28 -11.48 5.75
CA GLU A 113 17.86 -12.71 6.25
C GLU A 113 17.89 -12.81 7.77
N GLU A 114 18.14 -11.67 8.42
CA GLU A 114 18.12 -11.61 9.89
C GLU A 114 16.73 -11.64 10.50
N ASN A 115 15.96 -10.57 10.30
CA ASN A 115 14.65 -10.42 10.94
C ASN A 115 13.53 -11.24 10.31
N LEU A 116 13.52 -11.34 8.98
CA LEU A 116 12.40 -11.92 8.24
C LEU A 116 12.53 -13.41 7.93
N MET A 117 11.37 -14.05 7.78
CA MET A 117 11.25 -15.49 7.58
C MET A 117 10.58 -15.83 6.24
N ASP A 118 11.02 -16.92 5.60
CA ASP A 118 10.47 -17.35 4.32
C ASP A 118 8.96 -17.59 4.43
N GLY A 119 8.25 -17.32 3.34
CA GLY A 119 6.80 -17.33 3.36
C GLY A 119 6.10 -18.58 2.86
N GLY A 120 6.84 -19.51 2.29
CA GLY A 120 6.23 -20.72 1.74
C GLY A 120 7.21 -21.84 1.49
N ASP A 121 6.69 -23.07 1.41
CA ASP A 121 7.54 -24.24 1.21
C ASP A 121 7.64 -24.60 -0.27
N LEU A 122 7.40 -23.61 -1.14
CA LEU A 122 7.65 -23.79 -2.55
C LEU A 122 9.15 -24.03 -2.72
N PRO A 123 9.51 -25.06 -3.51
CA PRO A 123 10.92 -25.45 -3.64
C PRO A 123 11.77 -24.32 -4.17
N SER A 124 12.99 -24.16 -3.65
CA SER A 124 13.87 -23.10 -4.13
C SER A 124 14.07 -23.37 -5.61
N VAL A 125 14.13 -22.31 -6.40
CA VAL A 125 14.13 -22.49 -7.84
C VAL A 125 15.53 -22.40 -8.45
N THR A 126 15.75 -23.16 -9.51
CA THR A 126 16.92 -22.96 -10.35
C THR A 126 16.54 -21.77 -11.22
N ASP A 127 17.49 -20.91 -11.54
CA ASP A 127 17.20 -19.48 -11.74
C ASP A 127 16.70 -19.01 -13.11
N ILE A 128 17.39 -19.38 -14.18
CA ILE A 128 17.47 -18.51 -15.35
C ILE A 128 16.26 -18.37 -16.28
N ARG A 129 15.93 -17.12 -16.56
CA ARG A 129 15.11 -16.73 -17.70
C ARG A 129 15.67 -15.40 -18.21
N ARG A 130 15.77 -15.22 -19.53
CA ARG A 130 16.32 -13.98 -20.09
C ARG A 130 15.34 -13.23 -20.98
N PRO A 131 15.07 -11.93 -20.69
CA PRO A 131 15.59 -11.08 -19.61
C PRO A 131 15.23 -11.58 -18.20
N ARG A 132 15.91 -11.05 -17.20
CA ARG A 132 15.74 -11.50 -15.83
C ARG A 132 14.58 -10.78 -15.16
N LEU A 133 13.87 -11.49 -14.28
CA LEU A 133 12.70 -10.93 -13.61
C LEU A 133 13.01 -9.71 -12.75
N TYR A 134 12.13 -8.73 -12.79
CA TYR A 134 12.19 -7.60 -11.86
C TYR A 134 10.77 -7.12 -11.58
N LEU A 135 10.59 -6.39 -10.49
CA LEU A 135 9.27 -5.91 -10.11
C LEU A 135 8.90 -4.68 -10.95
N LEU A 136 7.82 -4.77 -11.72
CA LEU A 136 7.41 -3.62 -12.53
C LEU A 136 6.50 -2.68 -11.72
N GLN A 137 5.66 -3.23 -10.85
CA GLN A 137 4.90 -2.39 -9.93
C GLN A 137 4.33 -3.19 -8.76
N TRP A 138 3.99 -2.48 -7.69
CA TRP A 138 3.36 -3.07 -6.51
C TRP A 138 2.39 -2.07 -5.93
N LEU A 139 1.39 -2.55 -5.21
CA LEU A 139 0.52 -1.66 -4.46
C LEU A 139 -0.03 -2.36 -3.21
N LYS A 140 -0.23 -1.57 -2.16
CA LYS A 140 -0.65 -2.12 -0.87
C LYS A 140 -1.94 -1.49 -0.38
N SER A 141 -2.84 -2.34 0.12
CA SER A 141 -4.04 -1.86 0.79
C SER A 141 -3.96 -2.23 2.27
N ASP A 142 -5.05 -1.99 2.99
CA ASP A 142 -5.12 -2.32 4.41
C ASP A 142 -5.24 -3.82 4.64
N LYS A 143 -5.48 -4.57 3.57
CA LYS A 143 -5.69 -6.01 3.69
C LYS A 143 -4.60 -6.88 3.06
N ALA A 144 -3.96 -6.39 2.00
CA ALA A 144 -3.04 -7.23 1.26
C ALA A 144 -1.94 -6.47 0.52
N LEU A 145 -0.88 -7.20 0.18
CA LEU A 145 0.22 -6.68 -0.63
C LEU A 145 0.21 -7.35 -2.00
N MET A 146 0.19 -6.54 -3.05
CA MET A 146 0.14 -7.08 -4.41
C MET A 146 1.39 -6.71 -5.21
N MET A 147 2.01 -7.71 -5.83
CA MET A 147 3.19 -7.49 -6.65
C MET A 147 3.05 -8.12 -8.04
N LEU A 148 3.42 -7.35 -9.07
CA LEU A 148 3.38 -7.84 -10.44
C LEU A 148 4.74 -7.66 -11.12
N PHE A 149 5.24 -8.71 -11.74
CA PHE A 149 6.57 -8.67 -12.33
C PHE A 149 6.53 -8.56 -13.84
N ASN A 150 7.69 -8.30 -14.44
CA ASN A 150 7.84 -8.21 -15.90
C ASN A 150 7.28 -9.41 -16.65
N ASP A 151 7.51 -10.61 -16.13
CA ASP A 151 7.15 -11.83 -16.85
C ASP A 151 5.71 -12.26 -16.61
N GLY A 152 4.99 -11.46 -15.83
CA GLY A 152 3.58 -11.73 -15.58
C GLY A 152 3.27 -12.56 -14.36
N THR A 153 4.28 -12.93 -13.59
CA THR A 153 4.03 -13.64 -12.35
C THR A 153 3.32 -12.67 -11.41
N PHE A 154 2.26 -13.15 -10.77
CA PHE A 154 1.39 -12.29 -10.00
C PHE A 154 1.25 -12.82 -8.58
N GLN A 155 1.59 -12.01 -7.59
CA GLN A 155 1.57 -12.45 -6.20
C GLN A 155 0.85 -11.48 -5.28
N VAL A 156 -0.01 -12.04 -4.42
CA VAL A 156 -0.69 -11.26 -3.40
C VAL A 156 -0.50 -11.87 -2.01
N ASN A 157 0.10 -11.09 -1.10
CA ASN A 157 0.28 -11.51 0.27
C ASN A 157 -0.77 -10.88 1.20
N PHE A 158 -1.39 -11.71 2.03
CA PHE A 158 -2.32 -11.23 3.05
C PHE A 158 -1.64 -11.17 4.41
N TYR A 159 -1.97 -10.17 5.21
CA TYR A 159 -1.25 -9.91 6.45
C TYR A 159 -1.61 -10.86 7.60
N HIS A 160 -2.88 -10.87 7.99
CA HIS A 160 -3.30 -11.59 9.20
C HIS A 160 -3.15 -13.10 9.09
N ASP A 161 -3.66 -13.66 7.99
CA ASP A 161 -3.54 -15.10 7.76
C ASP A 161 -2.11 -15.51 7.46
N HIS A 162 -1.35 -14.57 6.92
CA HIS A 162 -0.02 -14.82 6.40
C HIS A 162 -0.17 -15.77 5.22
N THR A 163 -1.26 -15.59 4.47
CA THR A 163 -1.58 -16.42 3.32
C THR A 163 -1.24 -15.69 2.03
N LYS A 164 -0.97 -16.47 0.98
CA LYS A 164 -0.49 -15.90 -0.27
C LYS A 164 -1.16 -16.56 -1.48
N ILE A 165 -1.22 -15.82 -2.58
CA ILE A 165 -1.62 -16.39 -3.86
C ILE A 165 -0.59 -16.00 -4.92
N ILE A 166 -0.21 -16.96 -5.75
CA ILE A 166 0.75 -16.69 -6.82
C ILE A 166 0.22 -17.22 -8.15
N ILE A 167 0.12 -16.34 -9.13
CA ILE A 167 -0.24 -16.77 -10.48
C ILE A 167 0.94 -16.65 -11.42
N CYS A 168 1.35 -17.78 -12.00
CA CYS A 168 2.55 -17.85 -12.83
C CYS A 168 2.23 -18.45 -14.19
N SER A 169 3.18 -18.32 -15.11
CA SER A 169 3.16 -19.04 -16.38
C SER A 169 4.36 -19.99 -16.46
N GLN A 170 4.07 -21.29 -16.43
CA GLN A 170 5.09 -22.30 -16.61
C GLN A 170 5.43 -22.57 -18.08
N ASN A 171 4.73 -23.51 -18.68
CA ASN A 171 5.08 -23.94 -20.03
C ASN A 171 4.10 -23.32 -21.00
N GLU A 172 2.87 -23.84 -21.04
CA GLU A 172 1.79 -23.13 -21.72
C GLU A 172 0.59 -22.85 -20.81
N GLU A 173 0.69 -23.24 -19.54
CA GLU A 173 -0.44 -23.07 -18.62
C GLU A 173 -0.25 -21.97 -17.60
N TYR A 174 -1.36 -21.58 -16.99
CA TYR A 174 -1.38 -20.62 -15.90
C TYR A 174 -1.55 -21.39 -14.62
N LEU A 175 -0.70 -21.13 -13.63
CA LEU A 175 -0.77 -21.85 -12.37
C LEU A 175 -1.22 -20.91 -11.28
N LEU A 176 -2.05 -21.42 -10.38
CA LEU A 176 -2.39 -20.68 -9.17
C LEU A 176 -1.89 -21.45 -7.97
N THR A 177 -0.99 -20.83 -7.22
CA THR A 177 -0.50 -21.43 -6.00
C THR A 177 -1.04 -20.72 -4.78
N TYR A 178 -1.64 -21.48 -3.88
CA TYR A 178 -2.15 -20.97 -2.63
C TYR A 178 -1.21 -21.37 -1.50
N ILE A 179 -0.85 -20.42 -0.66
CA ILE A 179 0.00 -20.70 0.48
C ILE A 179 -0.75 -20.39 1.76
N ASN A 180 -1.06 -21.43 2.53
CA ASN A 180 -2.03 -21.33 3.61
C ASN A 180 -1.43 -20.80 4.90
N GLU A 181 -2.23 -20.83 5.96
CA GLU A 181 -1.84 -20.29 7.26
C GLU A 181 -0.60 -20.97 7.86
N ASP A 182 -0.28 -22.17 7.39
CA ASP A 182 0.90 -22.86 7.88
C ASP A 182 2.00 -22.88 6.82
N ARG A 183 2.09 -21.79 6.07
CA ARG A 183 3.21 -21.56 5.15
C ARG A 183 3.33 -22.64 4.06
N ILE A 184 2.30 -23.47 3.92
CA ILE A 184 2.34 -24.65 3.04
C ILE A 184 1.81 -24.42 1.62
N SER A 185 2.57 -24.89 0.63
CA SER A 185 2.23 -24.76 -0.79
C SER A 185 1.27 -25.80 -1.37
N THR A 186 0.24 -25.31 -2.08
CA THR A 186 -0.61 -26.14 -2.92
C THR A 186 -0.77 -25.47 -4.27
N THR A 187 -0.35 -26.15 -5.34
CA THR A 187 -0.35 -25.56 -6.68
C THR A 187 -1.35 -26.23 -7.61
N PHE A 188 -2.19 -25.44 -8.25
CA PHE A 188 -3.15 -25.97 -9.21
C PHE A 188 -2.89 -25.45 -10.61
N ARG A 189 -3.64 -25.99 -11.58
CA ARG A 189 -3.71 -25.41 -12.90
C ARG A 189 -4.95 -24.53 -12.91
N LEU A 190 -4.92 -23.44 -13.65
CA LEU A 190 -6.06 -22.53 -13.68
C LEU A 190 -7.24 -23.25 -14.34
N THR A 191 -6.92 -24.03 -15.37
CA THR A 191 -7.90 -24.85 -16.07
C THR A 191 -8.64 -25.82 -15.13
N THR A 192 -7.89 -26.46 -14.24
CA THR A 192 -8.48 -27.40 -13.30
C THR A 192 -9.33 -26.69 -12.27
N LEU A 193 -8.92 -25.48 -11.89
CA LEU A 193 -9.67 -24.68 -10.92
C LEU A 193 -10.89 -24.09 -11.60
N LEU A 194 -10.81 -23.97 -12.93
CA LEU A 194 -11.90 -23.44 -13.72
C LEU A 194 -13.08 -24.41 -13.72
N MET A 195 -12.79 -25.70 -13.85
CA MET A 195 -13.84 -26.70 -13.99
C MET A 195 -14.20 -27.44 -12.69
N SER A 196 -13.34 -27.35 -11.69
CA SER A 196 -13.52 -28.18 -10.49
C SER A 196 -13.91 -27.34 -9.27
N GLY A 197 -13.96 -26.03 -9.45
CA GLY A 197 -14.36 -25.13 -8.37
C GLY A 197 -13.30 -25.01 -7.30
N CYS A 198 -13.65 -24.41 -6.17
CA CYS A 198 -12.68 -24.23 -5.10
C CYS A 198 -13.29 -24.00 -3.71
N SER A 199 -12.41 -23.97 -2.72
CA SER A 199 -12.79 -23.72 -1.32
C SER A 199 -13.35 -22.33 -1.11
N SER A 200 -13.93 -22.11 0.07
CA SER A 200 -14.54 -20.83 0.41
C SER A 200 -13.52 -19.72 0.59
N GLU A 201 -12.40 -20.06 1.24
CA GLU A 201 -11.43 -19.05 1.63
C GLU A 201 -10.28 -18.84 0.64
N LEU A 202 -10.13 -19.76 -0.31
CA LEU A 202 -9.24 -19.50 -1.44
C LEU A 202 -9.96 -18.67 -2.50
N LYS A 203 -11.28 -18.84 -2.59
CA LYS A 203 -12.05 -18.10 -3.57
C LYS A 203 -12.24 -16.65 -3.12
N ASN A 204 -12.33 -16.44 -1.82
CA ASN A 204 -12.41 -15.09 -1.28
C ASN A 204 -11.11 -14.36 -1.50
N ARG A 205 -10.00 -15.09 -1.46
CA ARG A 205 -8.69 -14.50 -1.65
C ARG A 205 -8.42 -14.29 -3.12
N MET A 206 -9.04 -15.13 -3.96
CA MET A 206 -8.93 -14.96 -5.41
C MET A 206 -9.72 -13.74 -5.85
N GLU A 207 -10.85 -13.50 -5.17
CA GLU A 207 -11.70 -12.37 -5.51
C GLU A 207 -11.01 -11.06 -5.13
N TYR A 208 -10.31 -11.08 -4.01
CA TYR A 208 -9.66 -9.88 -3.50
C TYR A 208 -8.42 -9.52 -4.31
N ALA A 209 -7.66 -10.54 -4.70
CA ALA A 209 -6.45 -10.35 -5.50
C ALA A 209 -6.80 -9.65 -6.81
N LEU A 210 -7.98 -9.99 -7.33
CA LEU A 210 -8.46 -9.41 -8.58
C LEU A 210 -8.81 -7.94 -8.43
N ASN A 211 -9.44 -7.59 -7.31
CA ASN A 211 -9.81 -6.20 -7.05
C ASN A 211 -8.58 -5.32 -6.93
N MET A 212 -7.45 -5.93 -6.56
CA MET A 212 -6.21 -5.20 -6.39
C MET A 212 -5.58 -4.94 -7.75
N LEU A 213 -5.81 -5.86 -8.68
CA LEU A 213 -5.30 -5.73 -10.03
C LEU A 213 -6.07 -4.65 -10.78
N LEU A 214 -7.38 -4.65 -10.59
CA LEU A 214 -8.26 -3.67 -11.24
C LEU A 214 -8.24 -2.33 -10.52
N GLY B 2 -17.88 2.43 0.05
CA GLY B 2 -17.61 2.81 -1.33
C GLY B 2 -18.43 4.01 -1.76
N SER B 3 -19.38 4.40 -0.93
CA SER B 3 -20.22 5.56 -1.22
C SER B 3 -19.40 6.83 -1.00
N VAL B 4 -18.55 6.80 0.03
CA VAL B 4 -17.67 7.91 0.34
C VAL B 4 -16.67 8.15 -0.78
N ALA B 5 -15.97 7.09 -1.16
CA ALA B 5 -15.00 7.12 -2.25
C ALA B 5 -15.61 7.63 -3.54
N ASP B 6 -16.85 7.20 -3.79
CA ASP B 6 -17.54 7.56 -5.03
C ASP B 6 -17.91 9.03 -5.07
N THR B 7 -18.15 9.60 -3.89
CA THR B 7 -18.49 11.02 -3.78
C THR B 7 -17.29 11.89 -4.15
N VAL B 8 -16.13 11.56 -3.58
CA VAL B 8 -14.90 12.29 -3.86
C VAL B 8 -14.52 12.13 -5.32
N ALA B 9 -14.75 10.93 -5.85
CA ALA B 9 -14.37 10.61 -7.23
C ALA B 9 -15.26 11.35 -8.23
N ARG B 10 -16.51 11.60 -7.84
CA ARG B 10 -17.44 12.30 -8.71
C ARG B 10 -17.02 13.75 -8.97
N VAL B 11 -16.67 14.45 -7.89
CA VAL B 11 -16.37 15.87 -7.97
C VAL B 11 -14.94 16.11 -8.44
N LEU B 12 -14.05 15.18 -8.12
CA LEU B 12 -12.65 15.31 -8.54
C LEU B 12 -12.52 15.05 -10.04
N ARG B 13 -13.29 14.09 -10.55
CA ARG B 13 -13.32 13.81 -11.98
C ARG B 13 -14.05 14.97 -12.66
N GLY B 14 -15.08 15.48 -11.98
CA GLY B 14 -15.79 16.66 -12.42
C GLY B 14 -14.87 17.83 -12.72
N CYS B 15 -14.10 18.24 -11.72
CA CYS B 15 -13.16 19.34 -11.86
C CYS B 15 -12.05 19.03 -12.86
N LEU B 16 -11.74 17.74 -13.02
CA LEU B 16 -10.59 17.33 -13.81
C LEU B 16 -10.89 17.38 -15.31
N GLU B 17 -12.06 16.90 -15.70
CA GLU B 17 -12.41 16.82 -17.12
C GLU B 17 -13.07 18.09 -17.64
N ASN B 18 -13.24 19.09 -16.78
CA ASN B 18 -13.73 20.40 -17.21
C ASN B 18 -12.79 21.56 -16.93
N MET B 19 -11.50 21.27 -16.77
CA MET B 19 -10.57 22.34 -16.47
C MET B 19 -9.63 22.62 -17.64
N PRO B 20 -9.34 23.91 -17.88
CA PRO B 20 -8.46 24.27 -18.98
C PRO B 20 -7.05 23.75 -18.76
N GLU B 21 -6.19 23.89 -19.75
CA GLU B 21 -4.79 23.59 -19.58
C GLU B 21 -4.07 24.89 -19.27
N ALA B 22 -3.11 24.86 -18.34
CA ALA B 22 -2.51 26.11 -17.89
C ALA B 22 -1.01 26.03 -17.60
N ASP B 23 -0.49 27.17 -17.13
CA ASP B 23 0.93 27.37 -16.92
C ASP B 23 1.15 27.64 -15.43
N CYS B 24 0.10 28.11 -14.77
CA CYS B 24 0.22 28.57 -13.39
C CYS B 24 -0.99 28.24 -12.51
N ILE B 25 -0.83 28.49 -11.22
CA ILE B 25 -1.84 28.23 -10.19
C ILE B 25 -2.88 29.34 -10.05
N PRO B 26 -4.16 28.96 -9.78
CA PRO B 26 -5.18 29.97 -9.51
C PRO B 26 -4.79 30.91 -8.38
N LYS B 27 -4.94 32.21 -8.59
CA LYS B 27 -4.47 33.17 -7.61
C LYS B 27 -5.52 33.39 -6.53
N GLU B 28 -6.78 33.13 -6.85
CA GLU B 28 -7.84 33.31 -5.89
C GLU B 28 -7.82 32.13 -4.93
N GLN B 29 -7.28 32.38 -3.74
CA GLN B 29 -7.07 31.33 -2.76
C GLN B 29 -7.78 31.60 -1.45
N LEU B 30 -7.98 30.54 -0.66
CA LEU B 30 -8.66 30.65 0.61
C LEU B 30 -7.69 30.24 1.71
N SER B 31 -7.83 30.85 2.89
CA SER B 31 -6.96 30.52 4.02
C SER B 31 -7.69 29.98 5.25
N THR B 32 -7.89 28.67 5.29
CA THR B 32 -8.42 28.02 6.48
C THR B 32 -7.63 26.73 6.72
N SER B 33 -7.76 26.18 7.91
CA SER B 33 -7.13 24.90 8.23
C SER B 33 -8.21 23.89 8.55
N PHE B 34 -7.96 22.64 8.16
CA PHE B 34 -8.90 21.57 8.39
C PHE B 34 -8.14 20.35 8.90
N GLN B 35 -8.82 19.23 9.04
CA GLN B 35 -8.19 18.05 9.60
C GLN B 35 -7.54 17.21 8.51
N TRP B 36 -6.32 16.79 8.78
CA TRP B 36 -5.52 16.02 7.82
C TRP B 36 -4.43 15.26 8.55
N VAL B 37 -3.79 14.33 7.86
CA VAL B 37 -2.79 13.46 8.47
C VAL B 37 -1.38 14.05 8.45
N THR B 38 -0.82 14.26 9.63
CA THR B 38 0.50 14.86 9.77
C THR B 38 1.58 13.79 9.85
N LYS B 39 1.24 12.66 10.49
CA LYS B 39 2.16 11.52 10.56
C LYS B 39 1.45 10.23 10.18
N TRP B 40 2.14 9.35 9.46
CA TRP B 40 1.59 8.04 9.16
C TRP B 40 2.67 6.98 9.28
N VAL B 41 2.27 5.78 9.68
CA VAL B 41 3.20 4.67 9.87
C VAL B 41 2.58 3.36 9.43
N ASP B 42 3.22 2.69 8.47
CA ASP B 42 2.68 1.45 7.94
C ASP B 42 3.40 0.22 8.49
N TYR B 43 2.72 -0.50 9.37
CA TYR B 43 3.20 -1.77 9.92
C TYR B 43 2.14 -2.84 9.70
N SER B 44 1.73 -3.03 8.45
CA SER B 44 0.53 -3.80 8.16
C SER B 44 0.70 -5.31 8.33
N ASN B 45 1.93 -5.79 8.25
CA ASN B 45 2.17 -7.22 8.38
C ASN B 45 2.24 -7.67 9.84
N LYS B 46 2.29 -6.70 10.75
CA LYS B 46 2.36 -7.01 12.17
C LYS B 46 1.20 -6.41 12.97
N TYR B 47 0.90 -5.15 12.72
CA TYR B 47 -0.11 -4.46 13.51
C TYR B 47 -1.25 -3.92 12.66
N GLY B 48 -0.90 -3.01 11.76
CA GLY B 48 -1.89 -2.31 10.96
C GLY B 48 -1.33 -1.00 10.47
N PHE B 49 -2.21 -0.04 10.20
CA PHE B 49 -1.81 1.27 9.71
C PHE B 49 -2.09 2.33 10.77
N GLY B 50 -1.06 3.03 11.20
CA GLY B 50 -1.20 4.07 12.20
C GLY B 50 -1.11 5.44 11.60
N TYR B 51 -1.87 6.38 12.15
CA TYR B 51 -1.86 7.76 11.65
C TYR B 51 -2.14 8.75 12.77
N GLN B 52 -1.56 9.94 12.63
CA GLN B 52 -1.81 11.03 13.56
C GLN B 52 -2.46 12.19 12.83
N LEU B 53 -3.48 12.78 13.43
CA LEU B 53 -4.24 13.83 12.78
C LEU B 53 -3.75 15.21 13.20
N SER B 54 -4.22 16.24 12.49
CA SER B 54 -3.83 17.62 12.78
C SER B 54 -4.32 18.07 14.16
N ASP B 55 -5.31 17.37 14.69
CA ASP B 55 -5.85 17.68 16.00
C ASP B 55 -5.24 16.80 17.09
N HIS B 56 -4.19 16.08 16.72
CA HIS B 56 -3.38 15.26 17.62
C HIS B 56 -4.08 13.99 18.06
N THR B 57 -5.07 13.55 17.28
CA THR B 57 -5.67 12.25 17.48
C THR B 57 -4.81 11.19 16.80
N VAL B 58 -4.59 10.07 17.48
CA VAL B 58 -3.84 8.98 16.89
C VAL B 58 -4.77 7.80 16.59
N GLY B 59 -4.80 7.38 15.34
CA GLY B 59 -5.69 6.31 14.92
C GLY B 59 -4.94 5.10 14.42
N VAL B 60 -5.59 3.94 14.53
CA VAL B 60 -5.06 2.72 13.95
C VAL B 60 -6.12 1.98 13.15
N LEU B 61 -5.87 1.78 11.87
CA LEU B 61 -6.72 0.92 11.06
C LEU B 61 -6.10 -0.47 11.01
N PHE B 62 -6.67 -1.37 11.79
CA PHE B 62 -6.12 -2.71 11.91
C PHE B 62 -6.41 -3.45 10.61
N ASN B 63 -5.64 -4.49 10.35
CA ASN B 63 -5.82 -5.28 9.14
C ASN B 63 -7.21 -5.91 9.04
N ASN B 64 -7.78 -6.27 10.19
CA ASN B 64 -9.08 -6.93 10.21
C ASN B 64 -10.26 -6.03 9.86
N GLY B 65 -10.01 -4.72 9.76
CA GLY B 65 -11.04 -3.79 9.37
C GLY B 65 -11.53 -2.90 10.50
N ALA B 66 -11.18 -3.25 11.74
CA ALA B 66 -11.64 -2.49 12.88
C ALA B 66 -10.81 -1.24 13.05
N HIS B 67 -11.42 -0.20 13.59
CA HIS B 67 -10.71 1.05 13.86
C HIS B 67 -10.55 1.29 15.34
N MET B 68 -9.42 1.87 15.71
CA MET B 68 -9.23 2.26 17.09
C MET B 68 -8.57 3.62 17.15
N SER B 69 -9.16 4.52 17.93
CA SER B 69 -8.67 5.88 18.00
C SER B 69 -8.28 6.28 19.42
N LEU B 70 -7.10 6.89 19.56
CA LEU B 70 -6.68 7.46 20.83
C LEU B 70 -6.84 8.96 20.81
N LEU B 71 -7.56 9.49 21.79
CA LEU B 71 -7.88 10.91 21.83
C LEU B 71 -6.61 11.70 22.10
N PRO B 72 -6.61 13.01 21.78
CA PRO B 72 -5.42 13.86 21.97
C PRO B 72 -4.88 13.86 23.40
N ASP B 73 -5.76 13.66 24.38
CA ASP B 73 -5.35 13.65 25.78
C ASP B 73 -4.58 12.40 26.19
N LYS B 74 -4.52 11.42 25.30
CA LYS B 74 -3.85 10.14 25.56
C LYS B 74 -4.51 9.41 26.73
N LYS B 75 -5.78 9.75 26.98
CA LYS B 75 -6.53 9.18 28.09
C LYS B 75 -7.72 8.36 27.60
N THR B 76 -8.40 8.84 26.58
CA THR B 76 -9.63 8.21 26.10
C THR B 76 -9.42 7.41 24.82
N VAL B 77 -10.03 6.23 24.75
CA VAL B 77 -9.97 5.42 23.55
C VAL B 77 -11.34 5.30 22.92
N HIS B 78 -11.41 5.64 21.64
CA HIS B 78 -12.58 5.35 20.83
C HIS B 78 -12.37 4.06 20.06
N TYR B 79 -13.34 3.17 20.11
CA TYR B 79 -13.25 1.94 19.34
C TYR B 79 -14.46 1.86 18.44
N TYR B 80 -14.21 1.98 17.14
CA TYR B 80 -15.27 1.75 16.19
C TYR B 80 -15.04 0.35 15.65
N ALA B 81 -16.11 -0.46 15.63
CA ALA B 81 -15.96 -1.87 15.26
C ALA B 81 -15.80 -1.95 13.74
N GLU B 82 -15.80 -3.13 13.14
CA GLU B 82 -15.48 -3.25 11.71
C GLU B 82 -16.34 -2.47 10.72
N LEU B 83 -17.62 -2.22 11.04
CA LEU B 83 -18.46 -1.41 10.20
C LEU B 83 -19.01 -0.16 10.91
N GLY B 84 -18.82 -0.06 12.22
CA GLY B 84 -19.09 1.20 12.89
C GLY B 84 -19.63 1.19 14.31
N GLN B 85 -19.56 0.05 15.01
CA GLN B 85 -20.07 -0.01 16.39
C GLN B 85 -19.07 0.70 17.30
N CYS B 86 -19.41 1.88 17.78
CA CYS B 86 -18.48 2.68 18.58
C CYS B 86 -18.43 2.30 20.06
N SER B 87 -17.23 2.01 20.54
CA SER B 87 -17.01 1.76 21.96
C SER B 87 -16.06 2.83 22.51
N VAL B 88 -16.44 3.42 23.64
CA VAL B 88 -15.62 4.47 24.25
C VAL B 88 -15.20 4.13 25.68
N PHE B 89 -13.90 4.22 25.94
CA PHE B 89 -13.34 3.85 27.24
C PHE B 89 -11.95 4.43 27.42
N PRO B 90 -11.56 4.70 28.68
CA PRO B 90 -10.20 5.15 28.97
C PRO B 90 -9.17 4.07 28.62
N ALA B 91 -7.94 4.47 28.29
CA ALA B 91 -6.90 3.51 27.97
C ALA B 91 -6.37 2.91 29.27
N THR B 92 -6.29 3.74 30.30
CA THR B 92 -5.87 3.32 31.62
C THR B 92 -6.77 2.20 32.10
N ASP B 93 -8.07 2.47 32.09
CA ASP B 93 -9.07 1.45 32.35
C ASP B 93 -9.72 1.02 31.06
N ALA B 94 -9.17 -0.01 30.44
CA ALA B 94 -9.70 -0.52 29.19
C ALA B 94 -10.35 -1.86 29.44
N PRO B 95 -11.51 -2.12 28.80
CA PRO B 95 -12.12 -3.45 28.88
C PRO B 95 -11.13 -4.50 28.38
N GLU B 96 -11.07 -5.67 29.03
CA GLU B 96 -9.97 -6.59 28.71
C GLU B 96 -10.29 -7.33 27.41
N GLN B 97 -11.39 -6.96 26.77
CA GLN B 97 -11.69 -7.52 25.48
C GLN B 97 -10.79 -6.87 24.43
N PHE B 98 -10.36 -5.65 24.71
CA PHE B 98 -9.71 -4.83 23.70
C PHE B 98 -8.20 -4.64 23.89
N ILE B 99 -7.61 -5.24 24.93
CA ILE B 99 -6.21 -4.92 25.29
C ILE B 99 -5.18 -5.08 24.19
N SER B 100 -5.24 -6.24 23.53
CA SER B 100 -4.32 -6.59 22.44
C SER B 100 -4.34 -5.45 21.44
N GLN B 101 -5.55 -5.01 21.13
CA GLN B 101 -5.76 -3.87 20.26
C GLN B 101 -5.37 -2.55 20.94
N VAL B 102 -5.57 -2.44 22.25
CA VAL B 102 -5.19 -1.22 22.97
C VAL B 102 -3.69 -1.03 23.00
N THR B 103 -3.00 -2.13 23.29
CA THR B 103 -1.54 -2.15 23.37
C THR B 103 -0.93 -1.68 22.06
N VAL B 104 -1.44 -2.23 20.95
CA VAL B 104 -0.99 -1.84 19.63
C VAL B 104 -1.21 -0.35 19.36
N LEU B 105 -2.35 0.16 19.82
CA LEU B 105 -2.68 1.57 19.61
C LEU B 105 -1.70 2.47 20.38
N LYS B 106 -1.29 2.01 21.55
CA LYS B 106 -0.30 2.74 22.35
C LYS B 106 1.07 2.67 21.71
N TYR B 107 1.37 1.54 21.07
CA TYR B 107 2.65 1.34 20.41
C TYR B 107 2.80 2.33 19.26
N PHE B 108 1.72 2.50 18.50
CA PHE B 108 1.68 3.47 17.41
C PHE B 108 1.76 4.87 17.98
N SER B 109 1.02 5.10 19.06
CA SER B 109 0.98 6.40 19.72
C SER B 109 2.34 6.85 20.22
N HIS B 110 3.22 5.89 20.48
CA HIS B 110 4.53 6.20 21.05
C HIS B 110 5.61 6.20 19.97
N TYR B 111 5.29 5.65 18.80
CA TYR B 111 6.07 5.86 17.59
C TYR B 111 5.83 7.28 17.07
N MET B 112 4.57 7.71 17.17
CA MET B 112 4.14 9.02 16.73
C MET B 112 4.93 10.06 17.50
N GLU B 113 5.20 9.75 18.76
CA GLU B 113 5.95 10.63 19.63
C GLU B 113 7.32 10.91 19.07
N GLU B 114 7.58 12.15 18.68
CA GLU B 114 8.91 12.55 18.30
C GLU B 114 9.66 12.61 19.62
N ASN B 115 10.90 13.08 19.61
CA ASN B 115 11.63 13.12 20.86
C ASN B 115 11.01 14.26 21.63
N LEU B 116 10.98 14.17 22.95
CA LEU B 116 10.19 15.14 23.67
C LEU B 116 11.04 16.35 23.88
N MET B 117 10.45 17.50 23.59
CA MET B 117 11.14 18.77 23.71
C MET B 117 10.22 19.68 24.50
N ASP B 118 10.76 20.44 25.43
CA ASP B 118 9.90 21.30 26.24
C ASP B 118 9.21 22.31 25.34
N GLY B 119 7.98 22.66 25.67
CA GLY B 119 7.18 23.49 24.80
C GLY B 119 5.71 23.46 25.14
N GLY B 120 4.94 24.31 24.46
CA GLY B 120 3.52 24.44 24.73
C GLY B 120 2.74 25.10 23.62
N ASP B 121 1.43 24.91 23.61
CA ASP B 121 0.76 24.15 24.67
C ASP B 121 0.61 22.68 24.30
N LEU B 122 0.73 21.82 25.30
CA LEU B 122 0.45 20.40 25.13
C LEU B 122 -1.02 20.20 24.77
N PRO B 123 -1.29 19.40 23.73
CA PRO B 123 -2.65 19.20 23.24
C PRO B 123 -3.57 18.62 24.31
N SER B 124 -4.80 19.12 24.36
CA SER B 124 -5.77 18.69 25.36
C SER B 124 -7.16 18.56 24.75
N VAL B 125 -7.96 17.64 25.29
CA VAL B 125 -9.27 17.34 24.72
C VAL B 125 -10.36 18.14 25.42
N THR B 126 -11.37 18.56 24.66
CA THR B 126 -12.59 19.12 25.25
C THR B 126 -13.57 18.02 25.67
N ASP B 127 -14.33 17.48 24.72
CA ASP B 127 -15.28 16.41 24.98
C ASP B 127 -14.59 15.04 24.88
N ILE B 128 -14.79 14.23 25.91
CA ILE B 128 -14.20 12.90 26.01
C ILE B 128 -14.98 11.94 25.12
N ARG B 129 -16.15 12.38 24.66
CA ARG B 129 -16.92 11.61 23.70
C ARG B 129 -17.40 12.49 22.55
N ARG B 130 -16.46 12.77 21.64
CA ARG B 130 -16.78 13.48 20.40
C ARG B 130 -16.31 12.61 19.25
N PRO B 131 -17.23 12.21 18.37
CA PRO B 131 -16.88 11.31 17.27
C PRO B 131 -15.87 11.91 16.31
N ARG B 132 -14.60 11.54 16.47
CA ARG B 132 -13.55 12.07 15.60
C ARG B 132 -13.43 11.18 14.37
N LEU B 133 -13.11 11.82 13.24
CA LEU B 133 -12.98 11.12 11.97
C LEU B 133 -11.92 10.04 12.05
N TYR B 134 -12.11 8.97 11.29
CA TYR B 134 -11.14 7.88 11.24
C TYR B 134 -10.94 7.37 9.82
N LEU B 135 -9.88 6.59 9.64
CA LEU B 135 -9.51 6.09 8.33
C LEU B 135 -10.42 4.96 7.88
N LEU B 136 -11.09 5.15 6.74
CA LEU B 136 -11.99 4.14 6.21
C LEU B 136 -11.24 3.10 5.40
N GLN B 137 -10.28 3.56 4.62
CA GLN B 137 -9.40 2.69 3.85
C GLN B 137 -8.21 3.48 3.32
N TRP B 138 -7.15 2.77 2.96
CA TRP B 138 -5.97 3.41 2.40
C TRP B 138 -5.35 2.55 1.31
N LEU B 139 -4.57 3.17 0.45
CA LEU B 139 -3.84 2.42 -0.57
C LEU B 139 -2.50 3.07 -0.87
N LYS B 140 -1.51 2.23 -1.12
CA LYS B 140 -0.14 2.69 -1.34
C LYS B 140 0.37 2.17 -2.66
N SER B 141 0.99 3.04 -3.45
CA SER B 141 1.68 2.59 -4.64
C SER B 141 3.16 2.89 -4.42
N ASP B 142 3.99 2.67 -5.44
CA ASP B 142 5.40 2.96 -5.33
C ASP B 142 5.64 4.47 -5.35
N LYS B 143 4.58 5.23 -5.67
CA LYS B 143 4.69 6.67 -5.79
C LYS B 143 3.94 7.45 -4.72
N ALA B 144 2.83 6.90 -4.23
CA ALA B 144 2.00 7.66 -3.30
C ALA B 144 1.18 6.82 -2.33
N LEU B 145 0.78 7.47 -1.23
CA LEU B 145 -0.13 6.90 -0.26
C LEU B 145 -1.45 7.65 -0.31
N MET B 146 -2.54 6.91 -0.44
CA MET B 146 -3.85 7.52 -0.52
C MET B 146 -4.68 7.11 0.69
N MET B 147 -5.28 8.09 1.35
CA MET B 147 -6.13 7.81 2.49
C MET B 147 -7.50 8.46 2.35
N LEU B 148 -8.54 7.69 2.64
CA LEU B 148 -9.91 8.20 2.58
C LEU B 148 -10.55 8.02 3.95
N PHE B 149 -11.15 9.09 4.45
CA PHE B 149 -11.66 9.10 5.83
C PHE B 149 -13.16 9.00 6.01
N ASN B 150 -13.54 8.86 7.28
CA ASN B 150 -14.92 8.78 7.73
C ASN B 150 -15.82 9.87 7.17
N ASP B 151 -15.34 11.11 7.19
CA ASP B 151 -16.14 12.25 6.76
C ASP B 151 -15.98 12.55 5.28
N GLY B 152 -15.20 11.74 4.59
CA GLY B 152 -15.00 11.93 3.16
C GLY B 152 -13.77 12.76 2.84
N THR B 153 -12.98 13.09 3.85
CA THR B 153 -11.74 13.81 3.62
C THR B 153 -10.79 12.91 2.84
N PHE B 154 -10.14 13.49 1.84
CA PHE B 154 -9.34 12.73 0.90
C PHE B 154 -7.92 13.27 0.83
N GLN B 155 -6.95 12.41 1.12
CA GLN B 155 -5.56 12.82 1.15
C GLN B 155 -4.64 11.90 0.36
N VAL B 156 -3.75 12.49 -0.43
CA VAL B 156 -2.73 11.74 -1.13
C VAL B 156 -1.34 12.31 -0.85
N ASN B 157 -0.49 11.49 -0.24
CA ASN B 157 0.89 11.87 0.03
C ASN B 157 1.85 11.21 -0.97
N PHE B 158 2.76 11.99 -1.53
CA PHE B 158 3.79 11.45 -2.43
C PHE B 158 5.11 11.30 -1.67
N TYR B 159 5.87 10.24 -1.97
CA TYR B 159 7.04 9.93 -1.16
C TYR B 159 8.26 10.81 -1.40
N HIS B 160 8.77 10.80 -2.63
CA HIS B 160 10.05 11.47 -2.90
C HIS B 160 9.97 12.98 -2.71
N ASP B 161 8.94 13.57 -3.30
CA ASP B 161 8.70 15.01 -3.15
C ASP B 161 8.27 15.41 -1.74
N HIS B 162 7.59 14.51 -1.04
CA HIS B 162 6.91 14.84 0.22
C HIS B 162 5.82 15.86 -0.03
N THR B 163 5.14 15.72 -1.16
CA THR B 163 4.09 16.65 -1.55
C THR B 163 2.73 16.02 -1.25
N LYS B 164 1.74 16.86 -0.98
CA LYS B 164 0.43 16.36 -0.56
C LYS B 164 -0.73 17.11 -1.23
N ILE B 165 -1.85 16.41 -1.35
CA ILE B 165 -3.10 17.00 -1.78
C ILE B 165 -4.18 16.60 -0.80
N ILE B 166 -5.02 17.55 -0.39
CA ILE B 166 -6.12 17.23 0.50
C ILE B 166 -7.41 17.81 -0.04
N ILE B 167 -8.40 16.96 -0.22
CA ILE B 167 -9.73 17.41 -0.64
C ILE B 167 -10.66 17.31 0.54
N CYS B 168 -11.28 18.43 0.89
CA CYS B 168 -12.10 18.50 2.08
C CYS B 168 -13.49 18.95 1.69
N SER B 169 -14.45 18.75 2.59
CA SER B 169 -15.71 19.45 2.45
C SER B 169 -16.00 20.30 3.68
N GLN B 170 -15.65 21.58 3.64
CA GLN B 170 -16.22 22.51 4.62
C GLN B 170 -17.15 23.41 3.82
N ASN B 171 -18.26 23.79 4.44
CA ASN B 171 -19.57 23.47 3.85
C ASN B 171 -20.32 24.48 3.00
N GLU B 172 -20.90 23.94 1.93
CA GLU B 172 -20.79 22.50 1.63
C GLU B 172 -20.08 22.40 0.30
N GLU B 173 -18.99 23.14 0.26
CA GLU B 173 -18.20 23.33 -0.93
C GLU B 173 -16.98 22.44 -0.84
N TYR B 174 -16.34 22.17 -1.98
CA TYR B 174 -15.17 21.33 -1.98
C TYR B 174 -13.89 22.14 -2.08
N LEU B 175 -12.96 21.85 -1.18
CA LEU B 175 -11.69 22.54 -1.13
C LEU B 175 -10.58 21.58 -1.53
N LEU B 176 -9.61 22.08 -2.28
CA LEU B 176 -8.41 21.32 -2.54
C LEU B 176 -7.23 22.07 -1.94
N THR B 177 -6.52 21.42 -1.03
CA THR B 177 -5.34 22.04 -0.44
C THR B 177 -4.10 21.38 -0.98
N TYR B 178 -3.20 22.19 -1.53
CA TYR B 178 -1.94 21.70 -2.03
C TYR B 178 -0.83 22.10 -1.07
N ILE B 179 -0.02 21.13 -0.67
CA ILE B 179 1.12 21.41 0.19
C ILE B 179 2.35 20.97 -0.58
N ASN B 180 3.14 21.94 -1.03
CA ASN B 180 4.16 21.68 -2.04
C ASN B 180 5.48 21.16 -1.50
N GLU B 181 6.45 21.08 -2.41
CA GLU B 181 7.75 20.49 -2.15
C GLU B 181 8.50 21.22 -1.05
N ASP B 182 8.16 22.49 -0.85
CA ASP B 182 8.77 23.30 0.20
C ASP B 182 7.78 23.65 1.31
N ARG B 183 6.98 22.66 1.70
CA ARG B 183 6.12 22.73 2.88
C ARG B 183 5.02 23.79 2.88
N ILE B 184 4.77 24.45 1.76
CA ILE B 184 3.80 25.54 1.81
C ILE B 184 2.40 25.09 1.39
N SER B 185 1.42 25.36 2.25
CA SER B 185 0.03 25.02 1.97
C SER B 185 -0.64 26.10 1.13
N THR B 186 -1.30 25.69 0.06
CA THR B 186 -2.16 26.60 -0.70
C THR B 186 -3.51 25.96 -0.93
N THR B 187 -4.56 26.62 -0.47
CA THR B 187 -5.91 26.05 -0.52
C THR B 187 -6.79 26.77 -1.53
N PHE B 188 -7.41 25.99 -2.42
CA PHE B 188 -8.34 26.54 -3.40
C PHE B 188 -9.73 25.98 -3.19
N ARG B 189 -10.67 26.53 -3.95
CA ARG B 189 -11.99 25.94 -4.10
C ARG B 189 -11.98 25.10 -5.36
N LEU B 190 -12.75 24.03 -5.39
CA LEU B 190 -12.77 23.13 -6.53
C LEU B 190 -13.36 23.86 -7.74
N THR B 191 -14.36 24.68 -7.48
CA THR B 191 -14.98 25.53 -8.50
C THR B 191 -13.94 26.41 -9.18
N THR B 192 -13.02 26.96 -8.40
CA THR B 192 -11.98 27.84 -8.91
C THR B 192 -11.00 27.05 -9.77
N LEU B 193 -10.76 25.81 -9.38
CA LEU B 193 -9.85 24.93 -10.09
C LEU B 193 -10.51 24.41 -11.36
N LEU B 194 -11.84 24.39 -11.34
CA LEU B 194 -12.66 23.96 -12.46
C LEU B 194 -12.57 24.95 -13.62
N MET B 195 -12.58 26.24 -13.29
CA MET B 195 -12.71 27.29 -14.29
C MET B 195 -11.38 27.88 -14.75
N SER B 196 -10.35 27.77 -13.92
CA SER B 196 -9.10 28.48 -14.20
C SER B 196 -7.91 27.56 -14.46
N GLY B 197 -8.09 26.26 -14.31
CA GLY B 197 -7.00 25.34 -14.54
C GLY B 197 -6.02 25.46 -13.38
N CYS B 198 -4.83 24.90 -13.55
CA CYS B 198 -3.80 24.91 -12.50
C CYS B 198 -2.43 24.66 -13.11
N SER B 199 -1.42 24.57 -12.25
CA SER B 199 -0.06 24.31 -12.70
C SER B 199 0.00 22.98 -13.47
N SER B 200 1.11 22.75 -14.15
CA SER B 200 1.19 21.57 -15.01
C SER B 200 1.20 20.27 -14.22
N GLU B 201 1.99 20.22 -13.14
CA GLU B 201 2.14 18.98 -12.40
C GLU B 201 1.28 18.90 -11.13
N LEU B 202 0.58 19.99 -10.78
CA LEU B 202 -0.45 19.86 -9.75
C LEU B 202 -1.66 19.18 -10.40
N LYS B 203 -1.80 19.40 -11.70
CA LYS B 203 -2.87 18.77 -12.46
C LYS B 203 -2.49 17.32 -12.64
N ASN B 204 -1.18 17.07 -12.73
CA ASN B 204 -0.65 15.73 -12.84
C ASN B 204 -0.81 14.97 -11.51
N ARG B 205 -0.73 15.72 -10.41
CA ARG B 205 -0.88 15.11 -9.08
C ARG B 205 -2.36 14.87 -8.76
N MET B 206 -3.23 15.70 -9.33
CA MET B 206 -4.66 15.51 -9.17
C MET B 206 -5.10 14.31 -10.00
N GLU B 207 -4.46 14.13 -11.15
CA GLU B 207 -4.77 13.04 -12.05
C GLU B 207 -4.38 11.71 -11.41
N TYR B 208 -3.28 11.72 -10.68
CA TYR B 208 -2.76 10.51 -10.06
C TYR B 208 -3.64 10.13 -8.88
N ALA B 209 -4.05 11.13 -8.11
CA ALA B 209 -4.91 10.92 -6.96
C ALA B 209 -6.24 10.28 -7.35
N LEU B 210 -6.77 10.68 -8.50
CA LEU B 210 -8.04 10.14 -8.97
C LEU B 210 -7.90 8.69 -9.44
N ASN B 211 -6.79 8.42 -10.12
CA ASN B 211 -6.51 7.07 -10.60
C ASN B 211 -6.32 6.09 -9.44
N MET B 212 -5.95 6.63 -8.29
CA MET B 212 -5.74 5.81 -7.10
C MET B 212 -7.07 5.47 -6.46
N LEU B 213 -8.03 6.37 -6.62
CA LEU B 213 -9.37 6.15 -6.08
C LEU B 213 -10.08 5.10 -6.91
N LEU B 214 -9.87 5.16 -8.23
CA LEU B 214 -10.49 4.22 -9.15
C LEU B 214 -9.72 2.89 -9.18
#